data_6ZEQ
#
_entry.id   6ZEQ
#
_cell.length_a   153.920
_cell.length_b   153.920
_cell.length_c   88.640
_cell.angle_alpha   90.000
_cell.angle_beta   90.000
_cell.angle_gamma   120.000
#
_symmetry.space_group_name_H-M   'P 63 2 2'
#
loop_
_entity.id
_entity.type
_entity.pdbx_description
1 polymer 'Leucine aminopeptidase A'
2 branched 2-acetamido-2-deoxy-beta-D-glucopyranose-(1-4)-2-acetamido-2-deoxy-beta-D-glucopyranose
3 non-polymer 'ZINC ION'
4 non-polymer 'CHLORIDE ION'
5 non-polymer 'SULFATE ION'
6 non-polymer 1,2-ETHANEDIOL
7 water water
#
_entity_poly.entity_id   1
_entity_poly.type   'polypeptide(L)'
_entity_poly.pdbx_seq_one_letter_code
;MRFLPCIATLAATASALAIGDHVRSDDQYVLELAPGQTKVVTEAEKWALRAEGKRFFDITERASSLELASNKKQKLAVTY
PDSVQHNETVQNLIKSLDKKNFETVLQPFSEFHNRYYKSDNGKKSSEWLQGKIQEIISASGAKGVTVEPFKHSFPQSSLI
AKIPGKSDKTIVLGAHQDSINLDSPSEGRAPGADDDGSGVVTILEAFRVLLTDEKVAAGEAPNTVEFHFYAGEEGGLLGS
QDIFEQYSQKSRDVKAMLQQDMTGYTKGTTDAGKPESIGIITDNVDENLTKFLKVIVDAYCTIPTVDSKCGYGCSDHASA
TKYGYPAAFAFESAFGDDSPYIHSADDTIETVNFDHVLQHGRLTLGFAYELAFADSL
;
_entity_poly.pdbx_strand_id   A
#
loop_
_chem_comp.id
_chem_comp.type
_chem_comp.name
_chem_comp.formula
CL non-polymer 'CHLORIDE ION' 'Cl -1'
EDO non-polymer 1,2-ETHANEDIOL 'C2 H6 O2'
NAG D-saccharide, beta linking 2-acetamido-2-deoxy-beta-D-glucopyranose 'C8 H15 N O6'
SO4 non-polymer 'SULFATE ION' 'O4 S -2'
ZN non-polymer 'ZINC ION' 'Zn 2'
#
# COMPACT_ATOMS: atom_id res chain seq x y z
N ALA A 77 9.99 -18.02 -10.80
CA ALA A 77 8.58 -18.40 -10.86
C ALA A 77 8.02 -18.63 -9.44
N VAL A 78 6.89 -17.98 -9.09
CA VAL A 78 6.22 -18.12 -7.79
C VAL A 78 4.73 -18.43 -7.95
N THR A 79 4.24 -19.37 -7.12
CA THR A 79 2.88 -19.91 -7.21
C THR A 79 2.19 -19.74 -5.86
N TYR A 80 0.81 -19.75 -5.86
CA TYR A 80 0.04 -19.30 -4.70
C TYR A 80 -1.13 -20.22 -4.35
N PRO A 81 -1.75 -20.09 -3.16
CA PRO A 81 -2.96 -20.84 -2.85
C PRO A 81 -4.08 -20.61 -3.85
N ASP A 82 -4.91 -21.63 -4.04
CA ASP A 82 -6.03 -21.58 -4.98
C ASP A 82 -7.29 -20.99 -4.37
N SER A 83 -7.39 -21.00 -3.04
CA SER A 83 -8.54 -20.47 -2.32
C SER A 83 -8.06 -20.08 -0.94
N VAL A 84 -8.84 -19.25 -0.26
CA VAL A 84 -8.39 -18.75 1.05
C VAL A 84 -8.37 -19.90 2.06
N GLN A 85 -7.34 -19.91 2.91
CA GLN A 85 -7.13 -20.96 3.88
C GLN A 85 -7.51 -20.57 5.30
N HIS A 86 -7.74 -19.28 5.58
CA HIS A 86 -7.90 -18.82 6.95
C HIS A 86 -9.08 -17.88 7.09
N ASN A 87 -10.20 -18.25 6.46
CA ASN A 87 -11.34 -17.35 6.39
C ASN A 87 -11.81 -16.91 7.77
N GLU A 88 -11.94 -17.86 8.70
CA GLU A 88 -12.44 -17.53 10.04
C GLU A 88 -11.52 -16.53 10.76
N THR A 89 -10.22 -16.79 10.75
CA THR A 89 -9.28 -15.88 11.42
C THR A 89 -9.29 -14.50 10.77
N VAL A 90 -9.32 -14.44 9.44
CA VAL A 90 -9.25 -13.15 8.75
C VAL A 90 -10.54 -12.39 8.88
N GLN A 91 -11.68 -13.08 8.84
CA GLN A 91 -12.95 -12.37 9.03
C GLN A 91 -13.00 -11.76 10.43
N ASN A 92 -12.37 -12.42 11.39
CA ASN A 92 -12.39 -11.87 12.75
C ASN A 92 -11.47 -10.65 12.87
N LEU A 93 -10.29 -10.71 12.25
CA LEU A 93 -9.42 -9.54 12.20
C LEU A 93 -10.10 -8.38 11.49
N ILE A 94 -10.86 -8.67 10.44
CA ILE A 94 -11.53 -7.64 9.66
C ILE A 94 -12.45 -6.82 10.56
N LYS A 95 -13.07 -7.46 11.56
CA LYS A 95 -13.93 -6.72 12.47
C LYS A 95 -13.17 -5.69 13.31
N SER A 96 -11.86 -5.83 13.46
CA SER A 96 -11.08 -4.85 14.22
C SER A 96 -10.68 -3.64 13.41
N LEU A 97 -10.88 -3.65 12.09
CA LEU A 97 -10.59 -2.45 11.30
C LEU A 97 -11.48 -1.31 11.79
N ASP A 98 -10.90 -0.11 11.83
CA ASP A 98 -11.61 1.08 12.32
C ASP A 98 -11.55 2.18 11.28
N LYS A 99 -12.68 2.39 10.60
CA LYS A 99 -12.77 3.41 9.56
C LYS A 99 -12.27 4.78 10.04
N LYS A 100 -12.50 5.12 11.31
CA LYS A 100 -12.08 6.44 11.78
C LYS A 100 -10.58 6.61 11.80
N ASN A 101 -9.82 5.50 11.91
CA ASN A 101 -8.36 5.61 11.94
C ASN A 101 -7.79 6.11 10.60
N PHE A 102 -8.47 5.81 9.48
CA PHE A 102 -8.02 6.35 8.19
C PHE A 102 -8.03 7.87 8.22
N GLU A 103 -9.18 8.46 8.60
CA GLU A 103 -9.31 9.92 8.57
C GLU A 103 -8.35 10.57 9.56
N THR A 104 -8.21 9.96 10.75
CA THR A 104 -7.43 10.55 11.83
C THR A 104 -5.97 10.72 11.45
N VAL A 105 -5.44 9.78 10.64
CA VAL A 105 -4.09 9.92 10.12
C VAL A 105 -4.07 10.78 8.85
N LEU A 106 -5.01 10.53 7.94
CA LEU A 106 -4.96 11.18 6.64
C LEU A 106 -5.17 12.69 6.75
N GLN A 107 -5.99 13.15 7.69
CA GLN A 107 -6.20 14.60 7.81
C GLN A 107 -4.90 15.35 8.09
N PRO A 108 -4.16 15.07 9.17
CA PRO A 108 -2.87 15.77 9.34
C PRO A 108 -1.83 15.43 8.27
N PHE A 109 -1.80 14.20 7.75
CA PHE A 109 -0.82 13.85 6.71
C PHE A 109 -0.99 14.77 5.49
N SER A 110 -2.24 15.03 5.10
CA SER A 110 -2.50 15.87 3.94
C SER A 110 -2.41 17.37 4.26
N GLU A 111 -2.18 17.73 5.52
CA GLU A 111 -2.02 19.14 5.86
C GLU A 111 -0.59 19.64 5.69
N PHE A 112 0.41 18.77 5.54
CA PHE A 112 1.70 19.22 5.03
C PHE A 112 1.46 19.96 3.73
N HIS A 113 2.07 21.13 3.57
CA HIS A 113 1.75 21.95 2.41
C HIS A 113 1.84 21.12 1.14
N ASN A 114 2.95 20.40 0.99
CA ASN A 114 3.08 19.28 0.08
C ASN A 114 4.02 18.27 0.75
N ARG A 115 4.18 17.10 0.13
CA ARG A 115 5.13 16.08 0.55
C ARG A 115 6.14 15.82 -0.57
N TYR A 116 6.58 16.90 -1.20
CA TYR A 116 7.50 16.80 -2.34
C TYR A 116 8.83 16.17 -1.95
N TYR A 117 9.25 15.14 -2.71
CA TYR A 117 10.39 14.32 -2.30
C TYR A 117 11.71 15.10 -2.28
N LYS A 118 11.83 16.16 -3.04
CA LYS A 118 13.05 16.96 -3.02
C LYS A 118 13.04 18.04 -1.95
N SER A 119 11.96 18.19 -1.19
N SER A 119 11.95 18.19 -1.20
CA SER A 119 11.76 19.33 -0.31
CA SER A 119 11.79 19.32 -0.31
C SER A 119 11.92 18.92 1.15
C SER A 119 12.00 18.90 1.14
N ASP A 120 12.30 19.90 1.98
CA ASP A 120 12.27 19.68 3.42
C ASP A 120 10.86 19.29 3.87
N ASN A 121 9.84 19.74 3.14
CA ASN A 121 8.46 19.30 3.42
C ASN A 121 8.36 17.78 3.41
N GLY A 122 8.89 17.14 2.35
CA GLY A 122 8.82 15.69 2.25
C GLY A 122 9.69 14.99 3.29
N LYS A 123 10.81 15.60 3.66
CA LYS A 123 11.61 15.06 4.76
C LYS A 123 10.83 15.07 6.06
N LYS A 124 10.17 16.20 6.37
CA LYS A 124 9.38 16.29 7.59
C LYS A 124 8.18 15.34 7.57
N SER A 125 7.51 15.22 6.42
CA SER A 125 6.35 14.32 6.39
C SER A 125 6.78 12.86 6.54
N SER A 126 7.95 12.50 6.00
CA SER A 126 8.44 11.14 6.23
C SER A 126 8.76 10.91 7.71
N GLU A 127 9.40 11.89 8.35
CA GLU A 127 9.66 11.76 9.79
C GLU A 127 8.36 11.67 10.58
N TRP A 128 7.36 12.47 10.20
CA TRP A 128 6.07 12.41 10.89
C TRP A 128 5.45 11.03 10.73
N LEU A 129 5.49 10.49 9.50
CA LEU A 129 4.91 9.17 9.25
C LEU A 129 5.65 8.09 10.04
N GLN A 130 6.98 8.18 10.09
CA GLN A 130 7.74 7.20 10.85
C GLN A 130 7.29 7.15 12.31
N GLY A 131 7.05 8.33 12.90
CA GLY A 131 6.53 8.38 14.26
C GLY A 131 5.19 7.72 14.40
N LYS A 132 4.31 7.90 13.41
CA LYS A 132 2.99 7.26 13.47
C LYS A 132 3.12 5.74 13.36
N ILE A 133 4.02 5.25 12.51
CA ILE A 133 4.27 3.82 12.43
C ILE A 133 4.81 3.31 13.76
N GLN A 134 5.77 4.03 14.32
CA GLN A 134 6.38 3.61 15.58
C GLN A 134 5.34 3.54 16.70
N GLU A 135 4.43 4.53 16.74
CA GLU A 135 3.37 4.50 17.75
C GLU A 135 2.58 3.22 17.71
N ILE A 136 2.26 2.73 16.50
CA ILE A 136 1.51 1.49 16.39
C ILE A 136 2.34 0.31 16.90
N ILE A 137 3.62 0.26 16.53
CA ILE A 137 4.48 -0.82 17.00
C ILE A 137 4.57 -0.80 18.53
N SER A 138 4.93 0.35 19.11
CA SER A 138 5.05 0.41 20.56
C SER A 138 3.75 0.09 21.24
N ALA A 139 2.62 0.45 20.64
CA ALA A 139 1.33 0.13 21.25
C ALA A 139 1.00 -1.34 21.13
N SER A 140 1.65 -2.07 20.22
CA SER A 140 1.20 -3.41 19.86
C SER A 140 1.73 -4.49 20.79
N GLY A 141 2.82 -4.22 21.51
CA GLY A 141 3.49 -5.28 22.23
C GLY A 141 4.30 -6.23 21.37
N ALA A 142 4.48 -5.97 20.07
CA ALA A 142 5.21 -6.87 19.18
C ALA A 142 6.72 -6.54 19.24
N LYS A 143 7.43 -7.27 20.09
CA LYS A 143 8.80 -6.93 20.47
C LYS A 143 9.76 -6.92 19.29
N GLY A 144 9.57 -7.80 18.32
CA GLY A 144 10.53 -7.87 17.24
C GLY A 144 10.23 -7.04 16.01
N VAL A 145 9.13 -6.26 16.01
CA VAL A 145 8.72 -5.50 14.84
C VAL A 145 9.42 -4.16 14.86
N THR A 146 9.90 -3.73 13.69
CA THR A 146 10.70 -2.51 13.61
C THR A 146 10.25 -1.66 12.42
N VAL A 147 10.57 -0.38 12.46
CA VAL A 147 10.50 0.49 11.30
C VAL A 147 11.83 1.21 11.21
N GLU A 148 12.37 1.31 10.00
N GLU A 148 12.35 1.35 9.99
CA GLU A 148 13.60 2.06 9.79
CA GLU A 148 13.62 2.01 9.76
C GLU A 148 13.45 2.88 8.52
C GLU A 148 13.52 2.84 8.48
N PRO A 149 14.19 3.99 8.43
CA PRO A 149 14.22 4.74 7.18
C PRO A 149 15.21 4.13 6.20
N PHE A 150 14.97 4.39 4.92
CA PHE A 150 15.85 3.97 3.83
C PHE A 150 16.24 5.24 3.09
N LYS A 151 17.52 5.61 3.19
CA LYS A 151 17.97 6.90 2.69
C LYS A 151 18.07 6.87 1.17
N HIS A 152 17.85 8.03 0.57
CA HIS A 152 17.99 8.22 -0.87
C HIS A 152 18.87 9.44 -1.10
N SER A 153 19.16 9.74 -2.36
CA SER A 153 19.95 10.93 -2.65
C SER A 153 19.17 12.24 -2.49
N PHE A 154 17.88 12.18 -2.19
CA PHE A 154 17.03 13.34 -1.93
C PHE A 154 16.57 13.31 -0.48
N PRO A 155 16.04 14.43 0.06
CA PRO A 155 15.87 14.50 1.52
C PRO A 155 14.83 13.55 2.09
N GLN A 156 13.81 13.18 1.32
CA GLN A 156 12.75 12.34 1.85
C GLN A 156 13.17 10.86 1.85
N SER A 157 13.10 10.21 2.99
CA SER A 157 13.49 8.82 3.13
C SER A 157 12.26 7.92 3.06
N SER A 158 12.41 6.77 2.39
CA SER A 158 11.40 5.71 2.47
C SER A 158 11.39 5.08 3.86
N LEU A 159 10.31 4.36 4.15
CA LEU A 159 10.14 3.70 5.43
C LEU A 159 9.82 2.24 5.18
N ILE A 160 10.54 1.36 5.87
CA ILE A 160 10.31 -0.09 5.82
C ILE A 160 10.03 -0.58 7.24
N ALA A 161 8.85 -1.14 7.43
CA ALA A 161 8.48 -1.78 8.69
C ALA A 161 8.52 -3.29 8.46
N LYS A 162 9.11 -4.03 9.39
CA LYS A 162 9.33 -5.46 9.24
C LYS A 162 8.63 -6.24 10.36
N ILE A 163 7.89 -7.26 9.97
CA ILE A 163 7.36 -8.24 10.91
C ILE A 163 8.08 -9.55 10.67
N PRO A 164 9.19 -9.81 11.39
CA PRO A 164 9.96 -11.04 11.16
C PRO A 164 9.13 -12.29 11.38
N GLY A 165 9.28 -13.24 10.48
CA GLY A 165 8.61 -14.51 10.60
C GLY A 165 9.65 -15.62 10.65
N LYS A 166 9.21 -16.88 10.58
CA LYS A 166 10.14 -17.99 10.76
C LYS A 166 11.06 -18.19 9.57
N SER A 167 10.65 -17.83 8.35
CA SER A 167 11.54 -17.88 7.20
C SER A 167 11.82 -16.48 6.67
N ASP A 168 12.78 -16.37 5.74
CA ASP A 168 13.07 -15.12 5.05
C ASP A 168 12.26 -14.93 3.77
N LYS A 169 11.32 -15.81 3.48
CA LYS A 169 10.35 -15.55 2.41
C LYS A 169 9.51 -14.35 2.78
N THR A 170 9.52 -13.30 1.96
CA THR A 170 8.98 -12.01 2.35
C THR A 170 7.75 -11.62 1.52
N ILE A 171 6.73 -11.14 2.22
CA ILE A 171 5.53 -10.54 1.62
C ILE A 171 5.61 -9.04 1.84
N VAL A 172 5.45 -8.25 0.76
CA VAL A 172 5.56 -6.80 0.84
C VAL A 172 4.20 -6.17 0.57
N LEU A 173 3.79 -5.22 1.40
CA LEU A 173 2.66 -4.34 1.14
C LEU A 173 3.21 -2.93 0.89
N GLY A 174 2.87 -2.34 -0.26
CA GLY A 174 3.44 -1.03 -0.58
C GLY A 174 2.44 0.08 -0.79
N ALA A 175 2.91 1.32 -0.59
CA ALA A 175 2.25 2.57 -0.96
C ALA A 175 3.34 3.62 -1.04
N HIS A 176 3.05 4.74 -1.71
CA HIS A 176 4.06 5.79 -1.68
C HIS A 176 3.59 6.97 -0.84
N GLN A 177 4.57 7.66 -0.27
CA GLN A 177 4.28 8.63 0.78
C GLN A 177 4.45 10.07 0.33
N ASP A 178 5.00 10.31 -0.86
CA ASP A 178 5.16 11.68 -1.36
C ASP A 178 3.92 12.11 -2.15
N SER A 179 3.81 13.42 -2.34
CA SER A 179 2.78 14.01 -3.20
C SER A 179 3.45 15.07 -4.05
N ILE A 180 2.72 15.61 -5.03
CA ILE A 180 3.33 16.59 -5.91
C ILE A 180 2.25 17.44 -6.57
N ASN A 181 2.54 18.72 -6.77
CA ASN A 181 1.76 19.62 -7.60
C ASN A 181 2.56 19.80 -8.87
N LEU A 182 2.11 19.18 -9.98
CA LEU A 182 2.96 19.12 -11.17
C LEU A 182 3.26 20.51 -11.73
N ASP A 183 2.30 21.43 -11.65
CA ASP A 183 2.54 22.77 -12.16
C ASP A 183 3.49 23.58 -11.28
N SER A 184 3.68 23.19 -10.03
CA SER A 184 4.55 23.94 -9.10
C SER A 184 5.07 22.97 -8.04
N PRO A 185 6.06 22.12 -8.41
CA PRO A 185 6.40 20.99 -7.52
C PRO A 185 6.94 21.42 -6.17
N SER A 186 7.84 22.38 -6.14
CA SER A 186 8.52 22.70 -4.90
C SER A 186 7.62 23.46 -3.94
N GLU A 187 6.86 24.44 -4.44
CA GLU A 187 6.09 25.30 -3.56
C GLU A 187 4.58 25.09 -3.65
N GLY A 188 4.09 24.39 -4.66
CA GLY A 188 2.65 24.27 -4.84
C GLY A 188 2.01 23.39 -3.78
N ARG A 189 0.74 23.72 -3.48
CA ARG A 189 -0.05 22.92 -2.57
C ARG A 189 -0.34 21.55 -3.21
N ALA A 190 -0.05 20.48 -2.46
CA ALA A 190 -0.30 19.12 -2.93
C ALA A 190 -0.72 18.29 -1.73
N PRO A 191 -2.02 18.29 -1.40
CA PRO A 191 -2.48 17.50 -0.23
C PRO A 191 -2.30 16.01 -0.42
N GLY A 192 -2.29 15.54 -1.67
CA GLY A 192 -2.03 14.12 -1.94
C GLY A 192 -2.92 13.21 -1.12
N ALA A 193 -4.19 13.58 -0.96
CA ALA A 193 -5.06 12.80 -0.10
C ALA A 193 -5.42 11.47 -0.74
N ASP A 194 -5.85 11.48 -1.99
CA ASP A 194 -6.06 10.20 -2.65
C ASP A 194 -4.76 9.61 -3.19
N ASP A 195 -3.90 10.46 -3.75
CA ASP A 195 -2.63 10.03 -4.32
C ASP A 195 -1.45 10.57 -3.50
N ASP A 196 -0.90 9.77 -2.59
CA ASP A 196 -1.37 8.42 -2.28
C ASP A 196 -1.58 8.31 -0.76
N GLY A 197 -2.12 9.37 -0.18
CA GLY A 197 -2.45 9.33 1.24
C GLY A 197 -3.41 8.20 1.56
N SER A 198 -4.36 7.94 0.64
CA SER A 198 -5.32 6.87 0.85
C SER A 198 -4.62 5.52 0.99
N GLY A 199 -3.63 5.23 0.15
CA GLY A 199 -2.93 3.95 0.24
C GLY A 199 -2.04 3.86 1.48
N VAL A 200 -1.42 4.97 1.88
CA VAL A 200 -0.60 4.98 3.11
C VAL A 200 -1.45 4.58 4.32
N VAL A 201 -2.59 5.26 4.52
CA VAL A 201 -3.39 4.95 5.71
C VAL A 201 -4.12 3.62 5.55
N THR A 202 -4.35 3.17 4.31
CA THR A 202 -4.88 1.83 4.09
C THR A 202 -3.96 0.77 4.68
N ILE A 203 -2.70 0.78 4.28
CA ILE A 203 -1.83 -0.30 4.74
C ILE A 203 -1.36 -0.04 6.18
N LEU A 204 -1.36 1.21 6.62
CA LEU A 204 -1.03 1.50 8.02
C LEU A 204 -2.04 0.88 8.97
N GLU A 205 -3.33 1.00 8.66
CA GLU A 205 -4.36 0.40 9.49
C GLU A 205 -4.37 -1.12 9.39
N ALA A 206 -4.08 -1.68 8.20
CA ALA A 206 -3.96 -3.14 8.11
C ALA A 206 -2.78 -3.65 8.94
N PHE A 207 -1.66 -2.92 8.93
CA PHE A 207 -0.50 -3.22 9.75
C PHE A 207 -0.87 -3.28 11.23
N ARG A 208 -1.61 -2.28 11.73
CA ARG A 208 -1.98 -2.31 13.15
C ARG A 208 -2.86 -3.53 13.47
N VAL A 209 -3.81 -3.86 12.59
CA VAL A 209 -4.71 -4.98 12.90
C VAL A 209 -3.96 -6.29 12.81
N LEU A 210 -3.03 -6.40 11.85
CA LEU A 210 -2.23 -7.60 11.73
C LEU A 210 -1.47 -7.86 13.02
N LEU A 211 -0.94 -6.80 13.65
CA LEU A 211 -0.19 -6.98 14.87
C LEU A 211 -1.05 -7.35 16.07
N THR A 212 -2.39 -7.30 15.95
CA THR A 212 -3.21 -7.81 17.04
C THR A 212 -3.31 -9.33 17.03
N ASP A 213 -2.80 -9.99 16.00
CA ASP A 213 -2.79 -11.44 15.98
C ASP A 213 -1.56 -11.95 16.74
N GLU A 214 -1.79 -12.79 17.75
CA GLU A 214 -0.72 -13.16 18.68
C GLU A 214 0.40 -13.92 17.99
N LYS A 215 0.04 -14.82 17.06
CA LYS A 215 1.05 -15.53 16.28
C LYS A 215 1.90 -14.57 15.47
N VAL A 216 1.27 -13.61 14.78
CA VAL A 216 2.03 -12.64 13.99
C VAL A 216 2.96 -11.84 14.89
N ALA A 217 2.42 -11.30 15.99
CA ALA A 217 3.19 -10.46 16.91
C ALA A 217 4.31 -11.24 17.59
N ALA A 218 4.17 -12.55 17.72
CA ALA A 218 5.21 -13.38 18.31
C ALA A 218 6.32 -13.74 17.33
N GLY A 219 6.19 -13.39 16.05
CA GLY A 219 7.17 -13.80 15.07
C GLY A 219 7.02 -15.23 14.62
N GLU A 220 5.81 -15.75 14.70
CA GLU A 220 5.54 -17.17 14.54
C GLU A 220 4.89 -17.52 13.21
N ALA A 221 4.59 -16.53 12.36
CA ALA A 221 4.08 -16.85 11.04
C ALA A 221 5.18 -17.48 10.19
N PRO A 222 4.81 -18.40 9.31
CA PRO A 222 5.79 -18.98 8.37
C PRO A 222 6.70 -17.97 7.68
N ASN A 223 6.16 -16.85 7.21
CA ASN A 223 6.87 -15.94 6.33
C ASN A 223 6.98 -14.55 6.95
N THR A 224 7.99 -13.81 6.51
CA THR A 224 8.22 -12.43 6.92
C THR A 224 7.34 -11.48 6.10
N VAL A 225 6.86 -10.41 6.75
CA VAL A 225 5.97 -9.42 6.13
C VAL A 225 6.61 -8.05 6.30
N GLU A 226 6.68 -7.29 5.20
CA GLU A 226 7.20 -5.94 5.27
C GLU A 226 6.15 -4.96 4.74
N PHE A 227 6.13 -3.77 5.32
CA PHE A 227 5.27 -2.68 4.86
C PHE A 227 6.19 -1.58 4.38
N HIS A 228 6.04 -1.19 3.11
CA HIS A 228 6.91 -0.22 2.48
C HIS A 228 6.15 1.08 2.20
N PHE A 229 6.72 2.20 2.61
CA PHE A 229 6.17 3.54 2.39
C PHE A 229 7.21 4.27 1.55
N TYR A 230 7.02 4.25 0.22
CA TYR A 230 8.05 4.67 -0.73
C TYR A 230 8.12 6.18 -0.87
N ALA A 231 9.31 6.72 -0.71
CA ALA A 231 9.58 8.12 -1.02
C ALA A 231 9.80 8.28 -2.52
N GLY A 232 9.57 9.50 -3.00
CA GLY A 232 9.96 9.85 -4.36
C GLY A 232 9.25 9.11 -5.49
N GLU A 233 8.10 8.51 -5.25
CA GLU A 233 7.41 7.85 -6.35
C GLU A 233 7.07 8.85 -7.46
N GLU A 234 6.76 10.10 -7.09
CA GLU A 234 6.35 11.11 -8.06
C GLU A 234 7.50 11.61 -8.90
N GLY A 235 8.75 11.31 -8.50
CA GLY A 235 9.90 11.53 -9.35
C GLY A 235 10.17 10.45 -10.36
N GLY A 236 9.32 9.43 -10.44
CA GLY A 236 9.58 8.29 -11.31
C GLY A 236 9.92 7.02 -10.56
N LEU A 237 9.20 6.70 -9.50
CA LEU A 237 9.37 5.45 -8.75
C LEU A 237 10.75 5.38 -8.10
N LEU A 238 11.29 6.52 -7.66
CA LEU A 238 12.71 6.60 -7.30
C LEU A 238 13.03 5.84 -6.03
N GLY A 239 12.12 5.87 -5.05
CA GLY A 239 12.38 5.19 -3.80
C GLY A 239 12.26 3.68 -3.93
N SER A 240 11.17 3.20 -4.53
CA SER A 240 11.03 1.76 -4.77
C SER A 240 12.11 1.25 -5.72
N GLN A 241 12.56 2.07 -6.66
CA GLN A 241 13.68 1.66 -7.51
C GLN A 241 14.93 1.36 -6.66
N ASP A 242 15.26 2.27 -5.73
CA ASP A 242 16.41 2.04 -4.86
C ASP A 242 16.22 0.79 -4.01
N ILE A 243 15.01 0.57 -3.51
CA ILE A 243 14.82 -0.53 -2.57
C ILE A 243 14.89 -1.88 -3.28
N PHE A 244 14.13 -2.04 -4.37
CA PHE A 244 14.13 -3.36 -5.02
C PHE A 244 15.44 -3.65 -5.74
N GLU A 245 16.16 -2.64 -6.20
CA GLU A 245 17.48 -2.91 -6.73
C GLU A 245 18.43 -3.39 -5.63
N GLN A 246 18.38 -2.78 -4.44
CA GLN A 246 19.18 -3.29 -3.34
C GLN A 246 18.72 -4.68 -2.90
N TYR A 247 17.41 -4.90 -2.82
CA TYR A 247 16.91 -6.21 -2.43
C TYR A 247 17.38 -7.28 -3.42
N SER A 248 17.35 -6.94 -4.70
CA SER A 248 17.79 -7.89 -5.71
C SER A 248 19.26 -8.18 -5.56
N GLN A 249 20.07 -7.14 -5.33
CA GLN A 249 21.51 -7.35 -5.21
C GLN A 249 21.88 -8.16 -3.97
N LYS A 250 21.08 -8.06 -2.90
CA LYS A 250 21.34 -8.78 -1.67
C LYS A 250 20.57 -10.09 -1.58
N SER A 251 19.92 -10.52 -2.67
CA SER A 251 19.21 -11.80 -2.70
C SER A 251 18.07 -11.87 -1.69
N ARG A 252 17.40 -10.74 -1.44
CA ARG A 252 16.16 -10.78 -0.69
C ARG A 252 15.10 -11.58 -1.45
N ASP A 253 14.30 -12.36 -0.73
CA ASP A 253 13.38 -13.33 -1.32
C ASP A 253 11.93 -12.81 -1.21
N VAL A 254 11.55 -11.91 -2.12
CA VAL A 254 10.19 -11.36 -2.12
C VAL A 254 9.28 -12.29 -2.91
N LYS A 255 8.35 -12.95 -2.24
CA LYS A 255 7.44 -13.89 -2.87
C LYS A 255 6.15 -13.25 -3.35
N ALA A 256 5.82 -12.05 -2.89
CA ALA A 256 4.63 -11.32 -3.29
C ALA A 256 4.77 -9.86 -2.86
N MET A 257 4.30 -8.96 -3.73
CA MET A 257 4.33 -7.52 -3.50
C MET A 257 2.97 -6.96 -3.94
N LEU A 258 2.22 -6.35 -3.02
CA LEU A 258 0.96 -5.69 -3.36
C LEU A 258 1.14 -4.19 -3.19
N GLN A 259 0.92 -3.45 -4.27
CA GLN A 259 0.96 -1.99 -4.23
C GLN A 259 -0.46 -1.45 -4.11
N GLN A 260 -0.64 -0.43 -3.29
N GLN A 260 -0.62 -0.45 -3.25
CA GLN A 260 -1.92 0.27 -3.25
CA GLN A 260 -1.84 0.33 -3.11
C GLN A 260 -1.67 1.76 -3.39
C GLN A 260 -1.54 1.78 -3.44
N ASP A 261 -2.23 2.32 -4.45
CA ASP A 261 -1.98 3.70 -4.86
C ASP A 261 -3.30 4.23 -5.39
N MET A 262 -3.94 5.08 -4.60
CA MET A 262 -5.26 5.66 -4.81
C MET A 262 -6.34 4.63 -4.51
N THR A 263 -6.84 4.66 -3.29
CA THR A 263 -7.84 3.70 -2.83
C THR A 263 -9.12 4.37 -2.38
N GLY A 264 -9.28 5.68 -2.59
CA GLY A 264 -10.43 6.35 -2.00
C GLY A 264 -11.43 7.05 -2.90
N TYR A 265 -11.18 7.17 -4.20
CA TYR A 265 -12.05 7.98 -5.08
C TYR A 265 -13.03 7.08 -5.81
N THR A 266 -14.31 7.19 -5.45
CA THR A 266 -15.35 6.42 -6.11
C THR A 266 -16.31 7.29 -6.92
N LYS A 267 -16.23 8.61 -6.79
CA LYS A 267 -17.19 9.48 -7.46
C LYS A 267 -17.15 9.31 -8.98
N GLY A 268 -15.97 9.06 -9.54
CA GLY A 268 -15.89 8.78 -10.97
C GLY A 268 -16.71 7.56 -11.36
N THR A 269 -16.68 6.52 -10.53
CA THR A 269 -17.45 5.32 -10.80
C THR A 269 -18.95 5.57 -10.65
N THR A 270 -19.37 6.12 -9.52
CA THR A 270 -20.80 6.18 -9.24
C THR A 270 -21.50 7.28 -10.03
N ASP A 271 -20.74 8.30 -10.45
CA ASP A 271 -21.30 9.37 -11.27
C ASP A 271 -21.80 8.82 -12.59
N ALA A 272 -21.11 7.81 -13.13
CA ALA A 272 -21.46 7.17 -14.38
C ALA A 272 -22.46 6.03 -14.19
N GLY A 273 -23.03 5.90 -13.00
CA GLY A 273 -23.98 4.82 -12.76
C GLY A 273 -23.35 3.48 -12.49
N LYS A 274 -22.03 3.41 -12.37
CA LYS A 274 -21.40 2.11 -12.15
C LYS A 274 -21.35 1.77 -10.67
N PRO A 275 -21.30 0.48 -10.36
CA PRO A 275 -21.18 0.09 -8.95
C PRO A 275 -19.74 0.20 -8.49
N GLU A 276 -19.57 0.69 -7.26
CA GLU A 276 -18.29 0.70 -6.57
C GLU A 276 -17.55 -0.63 -6.75
N SER A 277 -16.28 -0.57 -7.13
N SER A 277 -16.27 -0.56 -7.07
CA SER A 277 -15.51 -1.79 -7.33
CA SER A 277 -15.49 -1.75 -7.36
C SER A 277 -14.06 -1.60 -6.87
C SER A 277 -14.06 -1.60 -6.85
N ILE A 278 -13.35 -2.73 -6.78
CA ILE A 278 -11.90 -2.76 -6.64
C ILE A 278 -11.31 -2.93 -8.05
N GLY A 279 -10.51 -1.96 -8.48
CA GLY A 279 -9.78 -2.11 -9.75
C GLY A 279 -8.54 -2.97 -9.61
N ILE A 280 -8.43 -3.98 -10.46
CA ILE A 280 -7.26 -4.86 -10.55
C ILE A 280 -6.48 -4.44 -11.79
N ILE A 281 -5.25 -3.98 -11.61
CA ILE A 281 -4.42 -3.57 -12.73
C ILE A 281 -3.72 -4.81 -13.27
N THR A 282 -3.76 -5.01 -14.59
CA THR A 282 -3.24 -6.25 -15.16
C THR A 282 -1.99 -6.10 -16.01
N ASP A 283 -1.40 -4.91 -16.11
CA ASP A 283 -0.13 -4.78 -16.81
C ASP A 283 0.98 -4.45 -15.82
N ASN A 284 2.20 -4.87 -16.15
CA ASN A 284 3.39 -4.72 -15.30
C ASN A 284 3.24 -5.45 -13.96
N VAL A 285 2.48 -6.54 -13.95
CA VAL A 285 2.22 -7.32 -12.74
C VAL A 285 2.48 -8.79 -13.05
N ASP A 286 2.48 -9.61 -12.00
CA ASP A 286 2.60 -11.06 -12.13
C ASP A 286 1.21 -11.68 -12.29
N GLU A 287 1.05 -12.51 -13.33
CA GLU A 287 -0.26 -13.10 -13.61
C GLU A 287 -0.75 -13.98 -12.47
N ASN A 288 0.12 -14.82 -11.90
CA ASN A 288 -0.30 -15.73 -10.82
C ASN A 288 -0.71 -14.94 -9.58
N LEU A 289 0.07 -13.94 -9.20
CA LEU A 289 -0.25 -13.17 -8.00
C LEU A 289 -1.54 -12.37 -8.21
N THR A 290 -1.74 -11.83 -9.42
CA THR A 290 -2.95 -11.08 -9.71
C THR A 290 -4.19 -11.97 -9.60
N LYS A 291 -4.08 -13.21 -10.06
CA LYS A 291 -5.15 -14.18 -9.87
C LYS A 291 -5.40 -14.43 -8.39
N PHE A 292 -4.33 -14.54 -7.59
CA PHE A 292 -4.50 -14.68 -6.15
C PHE A 292 -5.17 -13.44 -5.54
N LEU A 293 -4.81 -12.24 -6.04
CA LEU A 293 -5.43 -11.01 -5.53
C LEU A 293 -6.94 -11.02 -5.75
N LYS A 294 -7.39 -11.51 -6.91
CA LYS A 294 -8.83 -11.61 -7.15
C LYS A 294 -9.49 -12.59 -6.18
N VAL A 295 -8.83 -13.70 -5.88
CA VAL A 295 -9.32 -14.63 -4.85
C VAL A 295 -9.48 -13.90 -3.51
N ILE A 296 -8.51 -13.06 -3.15
CA ILE A 296 -8.59 -12.33 -1.89
C ILE A 296 -9.80 -11.40 -1.89
N VAL A 297 -9.99 -10.63 -2.97
CA VAL A 297 -11.08 -9.66 -3.01
C VAL A 297 -12.44 -10.37 -3.00
N ASP A 298 -12.56 -11.47 -3.75
CA ASP A 298 -13.81 -12.21 -3.75
C ASP A 298 -14.16 -12.73 -2.36
N ALA A 299 -13.15 -13.10 -1.56
CA ALA A 299 -13.42 -13.65 -0.24
C ALA A 299 -13.62 -12.59 0.84
N TYR A 300 -12.84 -11.51 0.81
CA TYR A 300 -12.76 -10.63 1.97
C TYR A 300 -13.30 -9.22 1.74
N CYS A 301 -13.69 -8.85 0.51
CA CYS A 301 -14.37 -7.60 0.24
C CYS A 301 -15.84 -7.87 -0.07
N THR A 302 -16.65 -6.81 0.04
CA THR A 302 -18.07 -6.92 -0.26
C THR A 302 -18.45 -6.14 -1.51
N ILE A 303 -17.47 -5.72 -2.31
CA ILE A 303 -17.69 -5.11 -3.61
C ILE A 303 -16.92 -5.90 -4.65
N PRO A 304 -17.32 -5.82 -5.93
CA PRO A 304 -16.70 -6.66 -6.96
C PRO A 304 -15.41 -6.08 -7.54
N THR A 305 -14.73 -6.89 -8.36
CA THR A 305 -13.52 -6.47 -9.06
C THR A 305 -13.83 -5.98 -10.48
N VAL A 306 -12.93 -5.15 -10.99
CA VAL A 306 -12.91 -4.76 -12.40
C VAL A 306 -11.45 -4.71 -12.86
N ASP A 307 -11.15 -5.40 -13.95
CA ASP A 307 -9.79 -5.43 -14.51
C ASP A 307 -9.54 -4.21 -15.39
N SER A 308 -8.33 -3.65 -15.28
CA SER A 308 -7.95 -2.46 -16.02
C SER A 308 -6.45 -2.49 -16.28
N LYS A 309 -5.98 -1.60 -17.15
N LYS A 309 -6.02 -1.71 -17.26
CA LYS A 309 -4.55 -1.45 -17.40
CA LYS A 309 -4.61 -1.47 -17.51
C LYS A 309 -4.16 0.01 -17.25
C LYS A 309 -4.34 0.00 -17.37
N CYS A 310 -2.90 0.24 -16.83
N CYS A 310 -3.11 0.35 -17.00
CA CYS A 310 -2.34 1.59 -16.74
CA CYS A 310 -2.74 1.76 -17.04
C CYS A 310 -1.78 2.08 -18.08
C CYS A 310 -1.94 2.12 -18.29
N GLY A 311 -1.21 1.18 -18.88
CA GLY A 311 -0.49 1.48 -20.08
C GLY A 311 0.93 1.98 -19.90
N TYR A 312 1.44 2.03 -18.66
CA TYR A 312 2.80 2.46 -18.37
C TYR A 312 3.14 1.94 -16.98
N GLY A 313 4.37 2.16 -16.54
CA GLY A 313 4.67 1.75 -15.18
C GLY A 313 4.15 2.77 -14.17
N CYS A 314 2.88 2.68 -13.81
CA CYS A 314 2.23 3.81 -13.16
C CYS A 314 2.42 3.87 -11.64
N SER A 315 3.14 2.94 -11.02
CA SER A 315 3.33 2.99 -9.56
C SER A 315 4.43 2.00 -9.20
N ASP A 316 4.67 1.87 -7.89
CA ASP A 316 5.88 1.22 -7.39
C ASP A 316 5.91 -0.29 -7.65
N HIS A 317 4.76 -0.94 -7.88
CA HIS A 317 4.80 -2.34 -8.28
C HIS A 317 5.69 -2.54 -9.51
N ALA A 318 5.75 -1.54 -10.39
CA ALA A 318 6.59 -1.70 -11.58
C ALA A 318 8.07 -1.79 -11.22
N SER A 319 8.48 -1.22 -10.08
CA SER A 319 9.86 -1.40 -9.63
C SER A 319 10.12 -2.83 -9.18
N ALA A 320 9.16 -3.44 -8.52
CA ALA A 320 9.32 -4.84 -8.15
C ALA A 320 9.38 -5.71 -9.40
N THR A 321 8.44 -5.51 -10.32
CA THR A 321 8.44 -6.27 -11.56
C THR A 321 9.77 -6.12 -12.29
N LYS A 322 10.32 -4.90 -12.32
CA LYS A 322 11.59 -4.67 -12.98
C LYS A 322 12.71 -5.57 -12.46
N TYR A 323 12.70 -5.91 -11.17
CA TYR A 323 13.74 -6.77 -10.61
C TYR A 323 13.27 -8.22 -10.45
N GLY A 324 12.26 -8.64 -11.22
CA GLY A 324 11.85 -10.02 -11.25
C GLY A 324 10.92 -10.45 -10.14
N TYR A 325 10.54 -9.56 -9.23
CA TYR A 325 9.69 -10.00 -8.13
C TYR A 325 8.22 -10.02 -8.55
N PRO A 326 7.43 -10.93 -7.99
CA PRO A 326 5.99 -10.98 -8.33
C PRO A 326 5.24 -9.86 -7.64
N ALA A 327 4.54 -9.04 -8.44
CA ALA A 327 3.84 -7.86 -7.94
C ALA A 327 2.40 -7.84 -8.42
N ALA A 328 1.55 -7.14 -7.69
CA ALA A 328 0.16 -6.93 -8.08
C ALA A 328 -0.29 -5.58 -7.54
N PHE A 329 -1.44 -5.11 -8.03
CA PHE A 329 -1.83 -3.71 -7.85
C PHE A 329 -3.35 -3.62 -7.83
N ALA A 330 -3.90 -3.26 -6.67
CA ALA A 330 -5.32 -2.98 -6.48
C ALA A 330 -5.53 -1.47 -6.33
N PHE A 331 -6.61 -1.01 -6.95
N PHE A 331 -6.51 -0.91 -7.03
CA PHE A 331 -6.87 0.38 -7.31
CA PHE A 331 -6.76 0.50 -6.82
C PHE A 331 -8.31 0.75 -6.91
C PHE A 331 -8.26 0.77 -6.86
N GLU A 332 -8.59 2.06 -6.86
CA GLU A 332 -9.90 2.53 -6.45
C GLU A 332 -11.03 2.21 -7.44
N SER A 333 -10.72 2.00 -8.72
CA SER A 333 -11.78 1.96 -9.72
C SER A 333 -11.20 1.39 -11.00
N ALA A 334 -12.01 1.36 -12.06
CA ALA A 334 -11.44 1.24 -13.40
C ALA A 334 -10.52 2.44 -13.66
N PHE A 335 -9.46 2.22 -14.45
CA PHE A 335 -8.41 3.23 -14.52
C PHE A 335 -8.97 4.56 -15.03
N GLY A 336 -9.90 4.50 -15.99
CA GLY A 336 -10.45 5.72 -16.56
C GLY A 336 -11.38 6.49 -15.64
N ASP A 337 -11.84 5.89 -14.53
CA ASP A 337 -12.72 6.56 -13.59
C ASP A 337 -12.00 7.04 -12.33
N ASP A 338 -10.67 7.04 -12.32
CA ASP A 338 -9.94 7.42 -11.12
C ASP A 338 -9.99 8.95 -10.91
N SER A 339 -9.36 9.41 -9.84
CA SER A 339 -9.50 10.81 -9.47
C SER A 339 -8.83 11.72 -10.52
N PRO A 340 -9.56 12.70 -11.06
CA PRO A 340 -8.94 13.67 -11.97
C PRO A 340 -8.23 14.80 -11.24
N TYR A 341 -8.21 14.76 -9.91
CA TYR A 341 -7.65 15.83 -9.11
C TYR A 341 -6.18 15.59 -8.73
N ILE A 342 -5.61 14.45 -9.10
CA ILE A 342 -4.26 14.11 -8.65
C ILE A 342 -3.25 15.12 -9.19
N HIS A 343 -2.15 15.30 -8.45
CA HIS A 343 -1.02 16.14 -8.87
C HIS A 343 -1.37 17.62 -8.93
N SER A 344 -2.39 18.05 -8.19
CA SER A 344 -2.78 19.44 -8.11
C SER A 344 -3.18 19.72 -6.67
N ALA A 345 -3.52 20.98 -6.40
CA ALA A 345 -4.02 21.37 -5.09
C ALA A 345 -5.36 20.73 -4.75
N ASP A 346 -6.04 20.16 -5.73
CA ASP A 346 -7.42 19.71 -5.55
C ASP A 346 -7.53 18.29 -5.04
N ASP A 347 -6.41 17.57 -4.86
CA ASP A 347 -6.43 16.20 -4.37
C ASP A 347 -6.60 16.22 -2.84
N THR A 348 -7.82 16.56 -2.40
CA THR A 348 -8.09 16.86 -0.99
C THR A 348 -8.81 15.71 -0.31
N ILE A 349 -8.83 15.76 1.03
CA ILE A 349 -9.43 14.68 1.80
C ILE A 349 -10.95 14.63 1.61
N GLU A 350 -11.58 15.76 1.28
CA GLU A 350 -12.99 15.79 0.94
C GLU A 350 -13.35 14.92 -0.28
N THR A 351 -12.39 14.59 -1.14
CA THR A 351 -12.69 13.71 -2.27
C THR A 351 -12.61 12.22 -1.93
N VAL A 352 -12.22 11.86 -0.70
CA VAL A 352 -11.93 10.46 -0.36
C VAL A 352 -13.17 9.82 0.26
N ASN A 353 -13.47 8.60 -0.17
CA ASN A 353 -14.62 7.83 0.32
C ASN A 353 -14.05 6.79 1.27
N PHE A 354 -14.17 7.05 2.58
CA PHE A 354 -13.51 6.18 3.55
C PHE A 354 -14.17 4.81 3.66
N ASP A 355 -15.44 4.66 3.28
CA ASP A 355 -16.02 3.32 3.16
C ASP A 355 -15.31 2.51 2.09
N HIS A 356 -14.86 3.17 1.02
CA HIS A 356 -14.09 2.47 0.01
C HIS A 356 -12.68 2.14 0.50
N VAL A 357 -12.03 3.06 1.22
CA VAL A 357 -10.69 2.67 1.64
C VAL A 357 -10.78 1.57 2.69
N LEU A 358 -11.91 1.48 3.41
CA LEU A 358 -12.13 0.33 4.29
C LEU A 358 -12.15 -0.99 3.53
N GLN A 359 -12.75 -1.03 2.33
CA GLN A 359 -12.68 -2.24 1.51
C GLN A 359 -11.24 -2.56 1.16
N HIS A 360 -10.43 -1.53 0.85
CA HIS A 360 -9.02 -1.81 0.58
C HIS A 360 -8.28 -2.26 1.84
N GLY A 361 -8.72 -1.79 3.02
CA GLY A 361 -8.16 -2.32 4.26
C GLY A 361 -8.41 -3.80 4.42
N ARG A 362 -9.65 -4.25 4.16
CA ARG A 362 -9.98 -5.67 4.21
C ARG A 362 -9.10 -6.50 3.28
N LEU A 363 -8.89 -6.05 2.04
CA LEU A 363 -8.09 -6.87 1.15
C LEU A 363 -6.62 -6.84 1.54
N THR A 364 -6.12 -5.71 2.07
CA THR A 364 -4.74 -5.71 2.51
C THR A 364 -4.53 -6.70 3.65
N LEU A 365 -5.46 -6.73 4.61
CA LEU A 365 -5.42 -7.69 5.71
C LEU A 365 -5.40 -9.13 5.20
N GLY A 366 -6.40 -9.49 4.40
CA GLY A 366 -6.47 -10.85 3.89
C GLY A 366 -5.29 -11.26 3.05
N PHE A 367 -4.84 -10.37 2.16
CA PHE A 367 -3.66 -10.65 1.36
C PHE A 367 -2.45 -10.91 2.25
N ALA A 368 -2.21 -10.03 3.21
CA ALA A 368 -1.04 -10.19 4.07
C ALA A 368 -1.13 -11.47 4.90
N TYR A 369 -2.29 -11.71 5.52
CA TYR A 369 -2.40 -12.86 6.43
C TYR A 369 -2.30 -14.18 5.69
N GLU A 370 -3.08 -14.33 4.60
CA GLU A 370 -3.08 -15.58 3.84
C GLU A 370 -1.68 -15.95 3.36
N LEU A 371 -0.91 -14.97 2.89
CA LEU A 371 0.42 -15.28 2.38
C LEU A 371 1.46 -15.40 3.50
N ALA A 372 1.30 -14.66 4.60
CA ALA A 372 2.19 -14.83 5.74
C ALA A 372 2.16 -16.26 6.27
N PHE A 373 1.01 -16.93 6.13
CA PHE A 373 0.78 -18.26 6.67
C PHE A 373 0.68 -19.31 5.55
N ALA A 374 1.45 -19.14 4.49
CA ALA A 374 1.54 -20.11 3.41
C ALA A 374 2.94 -20.71 3.44
N ASP A 375 3.08 -21.96 3.92
CA ASP A 375 4.39 -22.57 4.06
C ASP A 375 5.04 -22.88 2.71
N SER A 376 4.24 -23.32 1.73
CA SER A 376 4.75 -23.77 0.44
C SER A 376 4.87 -22.61 -0.55
N LEU A 377 5.45 -21.50 -0.12
CA LEU A 377 5.62 -20.36 -1.00
C LEU A 377 7.04 -20.31 -1.59
C1 NAG B . -16.05 -16.95 5.51
C2 NAG B . -16.90 -17.55 4.38
C3 NAG B . -18.29 -16.88 4.33
C4 NAG B . -18.93 -16.82 5.71
C5 NAG B . -17.97 -16.20 6.71
C6 NAG B . -18.49 -16.14 8.12
C7 NAG B . -15.42 -18.29 2.56
C8 NAG B . -14.82 -17.93 1.23
N2 NAG B . -16.23 -17.39 3.10
O3 NAG B . -19.12 -17.58 3.41
O4 NAG B . -20.13 -16.05 5.63
O5 NAG B . -16.77 -16.98 6.73
O6 NAG B . -17.79 -15.19 8.90
O7 NAG B . -15.15 -19.36 3.12
C1 NAG B . -21.29 -16.78 6.12
C2 NAG B . -22.38 -15.75 6.39
C3 NAG B . -23.72 -16.44 6.66
C4 NAG B . -23.60 -17.96 6.80
C5 NAG B . -22.71 -18.63 5.73
C6 NAG B . -23.50 -19.19 4.56
C7 NAG B . -21.64 -13.62 7.35
C8 NAG B . -21.31 -12.88 8.62
N2 NAG B . -22.02 -14.89 7.51
O3 NAG B . -24.66 -16.11 5.63
O4 NAG B . -23.14 -18.31 8.09
O5 NAG B . -21.75 -17.72 5.17
O6 NAG B . -24.90 -19.13 4.80
O7 NAG B . -21.57 -13.08 6.25
ZN ZN C . 0.31 7.53 -6.75
ZN ZN D . 0.84 10.62 -8.43
CL CL E . 0.14 8.44 -10.02
S SO4 F . -17.20 8.35 4.29
O1 SO4 F . -17.01 8.64 5.73
O2 SO4 F . -18.49 8.87 3.82
O3 SO4 F . -17.15 6.90 4.16
O4 SO4 F . -16.17 8.99 3.49
S SO4 G . -10.37 1.63 -18.38
O1 SO4 G . -9.06 2.26 -18.38
O2 SO4 G . -11.28 2.39 -17.53
O3 SO4 G . -10.87 1.59 -19.74
O4 SO4 G . -10.26 0.23 -17.93
S SO4 H . -6.45 23.01 1.30
O1 SO4 H . -5.48 23.74 2.11
O2 SO4 H . -7.81 23.27 1.78
O3 SO4 H . -6.17 21.58 1.33
O4 SO4 H . -6.37 23.47 -0.09
S SO4 I . -6.78 -4.12 -23.60
O1 SO4 I . -7.46 -4.35 -24.88
O2 SO4 I . -7.54 -3.14 -22.82
O3 SO4 I . -5.43 -3.60 -23.83
O4 SO4 I . -6.69 -5.39 -22.88
S SO4 J . 2.93 -6.85 -19.15
O1 SO4 J . 2.97 -5.46 -18.71
O2 SO4 J . 1.55 -7.20 -19.51
O3 SO4 J . 3.41 -7.73 -18.10
O4 SO4 J . 3.79 -7.02 -20.33
S SO4 K . 8.18 25.50 -8.20
O1 SO4 K . 9.05 26.65 -7.94
O2 SO4 K . 7.11 25.48 -7.19
O3 SO4 K . 7.63 25.60 -9.56
O4 SO4 K . 8.97 24.27 -8.14
S SO4 L . -8.35 -20.73 10.59
O1 SO4 L . -8.91 -19.47 10.11
O2 SO4 L . -8.81 -20.96 11.96
O3 SO4 L . -8.82 -21.83 9.75
O4 SO4 L . -6.89 -20.70 10.57
C1 EDO M . 13.81 22.62 0.68
O1 EDO M . 12.77 23.06 1.54
C2 EDO M . 13.77 23.49 -0.57
O2 EDO M . 12.43 23.53 -1.06
C1 EDO N . 0.57 18.31 9.53
O1 EDO N . 1.45 19.42 9.30
C2 EDO N . 1.16 17.33 10.53
O2 EDO N . 1.07 17.87 11.86
C1 EDO O . 6.38 -25.69 -5.44
O1 EDO O . 5.54 -25.00 -4.51
C2 EDO O . 5.83 -27.10 -5.73
O2 EDO O . 5.04 -27.10 -6.94
C1 EDO P . -0.63 15.10 14.02
O1 EDO P . 0.35 16.16 14.18
C2 EDO P . -0.83 14.34 15.31
O2 EDO P . -1.78 13.30 15.04
#